data_1D3D
#
_entry.id   1D3D
#
_cell.length_a   71.110
_cell.length_b   71.888
_cell.length_c   73.321
_cell.angle_alpha   90.00
_cell.angle_beta   100.60
_cell.angle_gamma   90.00
#
_symmetry.space_group_name_H-M   'C 1 2 1'
#
loop_
_entity.id
_entity.type
_entity.pdbx_description
1 polymer ALPHA-THROMBIN
2 polymer ALPHA-THROMBIN
3 polymer HIRUGEN
4 non-polymer 2-acetamido-2-deoxy-beta-D-glucopyranose
5 non-polymer 'SODIUM ION'
6 non-polymer 3-(3-BROMO-4-PYRROLIDIN-1-YLMETHYL-BENZYL)-2-[4-PYRROLIDIN-1-YL-ETHOXY)-PHENYL]-BENZO[B]THIOPHEN-6-OL
7 water water
#
loop_
_entity_poly.entity_id
_entity_poly.type
_entity_poly.pdbx_seq_one_letter_code
_entity_poly.pdbx_strand_id
1 'polypeptide(L)' EADCGLRPLFEKKSLEDKTERELLESYI A
2 'polypeptide(L)'
;IVEGSDAEIGMSPWQVMLFRKSPQELLCGASLISDRWVLTAAHCLLYPPWDKNFTENDLLVRIGKHSRTRYERNIEKISM
LEKIYIHPRYNWRENLDRDIALMKLKKPVAFSDYIHPVCLPDRETAASLLQAGYKGRVTGWGNLKETWTANVGKGQPSVL
QVVNLPIVERPVCKDSTRIRITDNMFCAGYKPDEGKRGDACEGDSGGPFVMKSPFNNRWYQMGIVSWGEGCDRDGKYGFY
THVFRLKKWIQKVIDQF
;
B
3 'polypeptide(L)' GDFEEIPEE(TYS)LQ H
#
# COMPACT_ATOMS: atom_id res chain seq x y z
N GLU A 1 12.67 -6.30 -10.00
CA GLU A 1 12.80 -7.78 -10.06
C GLU A 1 12.41 -8.32 -11.43
N ALA A 2 13.11 -9.37 -11.86
CA ALA A 2 12.87 -9.98 -13.16
C ALA A 2 11.40 -10.29 -13.41
N ASP A 3 10.77 -11.03 -12.50
CA ASP A 3 9.36 -11.35 -12.67
C ASP A 3 8.44 -10.59 -11.73
N CYS A 4 8.82 -9.36 -11.39
CA CYS A 4 8.01 -8.53 -10.52
C CYS A 4 6.61 -8.35 -11.12
N GLY A 5 5.61 -8.22 -10.26
CA GLY A 5 4.26 -7.99 -10.74
C GLY A 5 3.51 -9.09 -11.44
N LEU A 6 4.07 -10.30 -11.49
CA LEU A 6 3.38 -11.43 -12.11
C LEU A 6 3.06 -12.38 -10.95
N ARG A 7 1.78 -12.51 -10.63
CA ARG A 7 1.38 -13.33 -9.49
C ARG A 7 1.35 -14.84 -9.76
N PRO A 8 2.02 -15.61 -8.88
CA PRO A 8 2.08 -17.07 -9.00
C PRO A 8 0.72 -17.71 -9.24
N LEU A 9 -0.30 -17.30 -8.49
CA LEU A 9 -1.62 -17.88 -8.65
C LEU A 9 -2.53 -17.27 -9.69
N PHE A 10 -2.06 -16.22 -10.37
CA PHE A 10 -2.91 -15.61 -11.38
C PHE A 10 -2.22 -15.46 -12.73
N GLU A 11 -1.44 -14.41 -12.94
CA GLU A 11 -0.77 -14.21 -14.22
C GLU A 11 0.05 -15.43 -14.68
N LYS A 12 0.80 -16.02 -13.76
CA LYS A 12 1.64 -17.17 -14.10
C LYS A 12 0.89 -18.40 -14.56
N LYS A 13 -0.38 -18.51 -14.18
CA LYS A 13 -1.23 -19.65 -14.55
C LYS A 13 -2.24 -19.21 -15.59
N SER A 14 -2.19 -17.93 -15.92
CA SER A 14 -3.10 -17.33 -16.87
C SER A 14 -4.54 -17.37 -16.37
N LEU A 15 -4.71 -17.08 -15.08
CA LEU A 15 -6.03 -17.02 -14.47
C LEU A 15 -6.22 -15.55 -14.05
N GLU A 16 -7.45 -15.04 -14.15
CA GLU A 16 -7.71 -13.66 -13.77
C GLU A 16 -8.43 -13.58 -12.44
N ASP A 17 -8.18 -12.53 -11.66
CA ASP A 17 -8.90 -12.40 -10.41
C ASP A 17 -10.28 -11.81 -10.68
N LYS A 18 -11.14 -11.87 -9.67
CA LYS A 18 -12.52 -11.44 -9.74
C LYS A 18 -12.84 -10.03 -10.26
N THR A 19 -11.97 -9.06 -10.01
CA THR A 19 -12.30 -7.71 -10.45
C THR A 19 -11.25 -6.99 -11.30
N GLU A 20 -10.20 -7.68 -11.72
CA GLU A 20 -9.18 -6.99 -12.51
C GLU A 20 -9.71 -6.47 -13.83
N ARG A 21 -10.76 -7.09 -14.36
CA ARG A 21 -11.37 -6.62 -15.61
C ARG A 21 -11.86 -5.18 -15.46
N GLU A 22 -12.26 -4.81 -14.24
CA GLU A 22 -12.74 -3.46 -13.96
C GLU A 22 -11.63 -2.44 -14.22
N LEU A 23 -10.42 -2.76 -13.80
CA LEU A 23 -9.29 -1.84 -14.01
C LEU A 23 -9.01 -1.70 -15.50
N LEU A 24 -8.78 -2.84 -16.15
CA LEU A 24 -8.47 -2.85 -17.57
C LEU A 24 -9.52 -2.13 -18.41
N GLU A 25 -10.79 -2.32 -18.10
CA GLU A 25 -11.84 -1.65 -18.85
C GLU A 25 -11.81 -0.14 -18.66
N SER A 26 -11.16 0.33 -17.61
CA SER A 26 -11.10 1.76 -17.36
C SER A 26 -9.97 2.43 -18.14
N TYR A 27 -9.04 1.63 -18.66
CA TYR A 27 -7.90 2.19 -19.39
C TYR A 27 -8.20 2.39 -20.87
N ILE A 28 -8.80 3.54 -21.20
CA ILE A 28 -9.16 3.86 -22.59
C ILE A 28 -7.96 3.94 -23.52
N ILE B 1 -10.21 -0.83 4.89
CA ILE B 1 -10.90 -0.52 3.62
C ILE B 1 -12.41 -0.43 3.82
N VAL B 2 -12.99 0.66 3.33
CA VAL B 2 -14.40 0.92 3.44
C VAL B 2 -15.09 0.59 2.11
N GLU B 3 -16.16 -0.19 2.20
CA GLU B 3 -16.93 -0.60 1.03
C GLU B 3 -16.16 -1.48 0.05
N GLY B 4 -15.22 -2.27 0.55
CA GLY B 4 -14.46 -3.15 -0.32
C GLY B 4 -15.00 -4.58 -0.26
N SER B 5 -14.17 -5.56 -0.63
CA SER B 5 -14.62 -6.96 -0.57
C SER B 5 -13.42 -7.81 -0.19
N ASP B 6 -13.70 -9.03 0.26
CA ASP B 6 -12.63 -9.93 0.65
C ASP B 6 -11.73 -10.17 -0.55
N ALA B 7 -10.42 -10.15 -0.32
CA ALA B 7 -9.47 -10.41 -1.39
C ALA B 7 -9.44 -11.93 -1.63
N GLU B 8 -9.00 -12.35 -2.81
CA GLU B 8 -8.87 -13.78 -3.11
C GLU B 8 -7.49 -14.17 -2.57
N ILE B 9 -7.28 -15.46 -2.32
CA ILE B 9 -5.97 -15.91 -1.83
C ILE B 9 -4.93 -15.61 -2.91
N GLY B 10 -3.75 -15.12 -2.51
CA GLY B 10 -2.70 -14.81 -3.47
C GLY B 10 -2.96 -13.63 -4.40
N MET B 11 -4.06 -12.91 -4.17
CA MET B 11 -4.41 -11.74 -4.99
C MET B 11 -3.42 -10.55 -4.92
N SER B 12 -2.79 -10.35 -3.76
CA SER B 12 -1.82 -9.26 -3.57
C SER B 12 -0.67 -9.83 -2.78
N PRO B 13 0.16 -10.66 -3.44
CA PRO B 13 1.30 -11.28 -2.77
C PRO B 13 2.38 -10.32 -2.31
N TRP B 14 2.28 -9.04 -2.69
CA TRP B 14 3.26 -8.04 -2.27
C TRP B 14 2.77 -7.30 -1.01
N GLN B 15 1.53 -7.55 -0.62
CA GLN B 15 0.98 -6.87 0.56
C GLN B 15 1.75 -7.26 1.81
N VAL B 16 2.06 -6.27 2.62
CA VAL B 16 2.82 -6.49 3.83
C VAL B 16 2.09 -5.86 5.00
N MET B 17 2.20 -6.47 6.17
CA MET B 17 1.58 -5.93 7.37
C MET B 17 2.67 -5.40 8.26
N LEU B 18 2.52 -4.15 8.69
CA LEU B 18 3.46 -3.51 9.62
C LEU B 18 2.83 -3.84 10.97
N PHE B 19 3.55 -4.62 11.76
CA PHE B 19 3.05 -5.09 13.05
C PHE B 19 3.89 -4.63 14.24
N ARG B 20 3.24 -4.03 15.23
CA ARG B 20 3.94 -3.55 16.42
C ARG B 20 4.26 -4.69 17.38
N LYS B 21 5.49 -4.72 17.88
CA LYS B 21 5.93 -5.77 18.81
C LYS B 21 5.11 -5.81 20.09
N SER B 22 5.14 -4.72 20.85
CA SER B 22 4.38 -4.64 22.09
C SER B 22 3.90 -3.22 22.33
N PRO B 23 2.58 -3.04 22.43
CA PRO B 23 1.60 -4.12 22.31
C PRO B 23 1.47 -4.61 20.87
N GLN B 24 1.26 -5.91 20.69
CA GLN B 24 1.12 -6.49 19.36
C GLN B 24 -0.11 -5.88 18.70
N GLU B 25 0.09 -5.13 17.62
CA GLU B 25 -1.02 -4.50 16.89
C GLU B 25 -0.68 -4.09 15.45
N LEU B 26 -1.71 -3.91 14.64
CA LEU B 26 -1.56 -3.52 13.24
C LEU B 26 -1.30 -2.02 13.19
N LEU B 27 -0.22 -1.61 12.54
CA LEU B 27 0.11 -0.20 12.44
C LEU B 27 -0.20 0.37 11.07
N CYS B 28 0.14 -0.39 10.03
CA CYS B 28 -0.01 0.11 8.69
C CYS B 28 0.19 -1.00 7.68
N GLY B 29 -0.06 -0.65 6.43
CA GLY B 29 0.16 -1.57 5.32
C GLY B 29 1.54 -1.17 4.79
N ALA B 30 2.05 -1.96 3.85
CA ALA B 30 3.35 -1.74 3.23
C ALA B 30 3.38 -2.67 2.02
N SER B 31 4.46 -2.65 1.25
CA SER B 31 4.56 -3.51 0.08
C SER B 31 5.96 -4.07 -0.12
N LEU B 32 6.03 -5.28 -0.69
CA LEU B 32 7.31 -5.92 -0.93
C LEU B 32 7.77 -5.57 -2.36
N ILE B 33 8.94 -4.95 -2.48
CA ILE B 33 9.44 -4.57 -3.81
C ILE B 33 10.66 -5.38 -4.25
N SER B 34 11.21 -6.18 -3.34
CA SER B 34 12.34 -7.06 -3.63
C SER B 34 12.40 -8.07 -2.50
N ASP B 35 13.40 -8.95 -2.49
CA ASP B 35 13.48 -9.95 -1.43
C ASP B 35 13.94 -9.36 -0.10
N ARG B 36 14.43 -8.13 -0.14
CA ARG B 36 14.90 -7.51 1.09
C ARG B 36 14.43 -6.06 1.33
N TRP B 37 13.53 -5.55 0.52
CA TRP B 37 13.06 -4.17 0.70
C TRP B 37 11.55 -4.03 0.74
N VAL B 38 11.08 -3.24 1.70
CA VAL B 38 9.65 -3.01 1.86
C VAL B 38 9.38 -1.51 1.76
N LEU B 39 8.37 -1.14 1.00
CA LEU B 39 8.00 0.26 0.80
C LEU B 39 6.76 0.62 1.61
N THR B 40 6.80 1.76 2.29
CA THR B 40 5.65 2.21 3.09
C THR B 40 5.61 3.74 3.19
N ALA B 41 4.67 4.28 3.96
CA ALA B 41 4.57 5.73 4.13
C ALA B 41 5.40 6.19 5.31
N ALA B 42 6.03 7.36 5.19
CA ALA B 42 6.83 7.86 6.30
C ALA B 42 5.98 8.09 7.55
N HIS B 43 4.73 8.54 7.35
CA HIS B 43 3.85 8.79 8.48
C HIS B 43 3.57 7.56 9.34
N CYS B 44 3.81 6.37 8.79
CA CYS B 44 3.60 5.13 9.53
C CYS B 44 4.66 4.98 10.59
N LEU B 45 5.82 5.58 10.35
CA LEU B 45 6.93 5.47 11.28
C LEU B 45 7.19 6.74 12.08
N LEU B 46 6.99 7.89 11.45
CA LEU B 46 7.26 9.15 12.10
C LEU B 46 6.18 10.19 11.86
N TYR B 47 5.60 10.63 12.96
CA TYR B 47 4.57 11.66 12.94
C TYR B 47 4.47 12.27 14.35
N PRO B 48 5.37 13.21 14.66
CA PRO B 48 5.41 13.87 15.97
C PRO B 48 4.07 14.39 16.51
N PRO B 49 3.20 14.94 15.65
CA PRO B 49 1.93 15.42 16.19
C PRO B 49 1.13 14.37 16.96
N TRP B 50 1.35 13.09 16.64
CA TRP B 50 0.66 11.99 17.30
C TRP B 50 1.66 11.21 18.15
N ASP B 51 2.76 11.85 18.50
CA ASP B 51 3.80 11.24 19.31
C ASP B 51 4.22 9.88 18.76
N LYS B 52 4.44 9.84 17.45
CA LYS B 52 4.84 8.62 16.81
C LYS B 52 6.27 8.72 16.28
N ASN B 53 7.10 7.77 16.67
CA ASN B 53 8.49 7.74 16.23
C ASN B 53 9.07 6.36 16.50
N PHE B 54 8.76 5.41 15.62
CA PHE B 54 9.22 4.04 15.77
C PHE B 54 10.61 3.78 15.19
N THR B 55 11.35 2.89 15.85
CA THR B 55 12.67 2.52 15.35
C THR B 55 12.61 1.07 14.86
N GLU B 56 13.71 0.60 14.27
CA GLU B 56 13.79 -0.76 13.75
C GLU B 56 13.32 -1.82 14.74
N ASN B 57 13.76 -1.69 15.99
CA ASN B 57 13.43 -2.66 17.02
C ASN B 57 11.99 -2.62 17.55
N ASP B 58 11.22 -1.61 17.14
CA ASP B 58 9.86 -1.50 17.62
C ASP B 58 8.86 -2.33 16.84
N LEU B 59 9.23 -2.80 15.65
CA LEU B 59 8.25 -3.54 14.89
C LEU B 59 8.71 -4.70 14.03
N LEU B 60 7.70 -5.39 13.51
CA LEU B 60 7.91 -6.54 12.67
C LEU B 60 7.11 -6.37 11.39
N VAL B 61 7.59 -7.04 10.34
CA VAL B 61 6.95 -7.01 9.05
C VAL B 61 6.42 -8.43 8.84
N ARG B 62 5.15 -8.57 8.51
CA ARG B 62 4.56 -9.89 8.26
C ARG B 62 4.11 -9.94 6.80
N ILE B 63 4.66 -10.92 6.08
CA ILE B 63 4.43 -11.11 4.65
C ILE B 63 3.69 -12.39 4.28
N GLY B 64 2.89 -12.34 3.22
CA GLY B 64 2.14 -13.49 2.75
C GLY B 64 0.85 -13.79 3.49
N LYS B 65 0.36 -12.82 4.27
CA LYS B 65 -0.86 -13.02 5.04
C LYS B 65 -2.15 -12.84 4.28
N HIS B 66 -3.22 -13.37 4.88
CA HIS B 66 -4.56 -13.23 4.32
C HIS B 66 -5.44 -12.85 5.49
N SER B 67 -5.40 -13.67 6.54
CA SER B 67 -6.18 -13.43 7.75
C SER B 67 -5.51 -12.28 8.49
N ARG B 68 -6.32 -11.38 9.04
CA ARG B 68 -5.75 -10.23 9.76
C ARG B 68 -5.14 -10.61 11.10
N THR B 69 -5.87 -11.36 11.91
CA THR B 69 -5.41 -11.71 13.26
C THR B 69 -4.70 -13.03 13.50
N ARG B 70 -4.88 -14.00 12.62
CA ARG B 70 -4.26 -15.30 12.83
C ARG B 70 -2.80 -15.41 12.42
N TYR B 71 -2.06 -16.26 13.11
CA TYR B 71 -0.66 -16.49 12.77
C TYR B 71 -0.74 -17.64 11.77
N GLU B 72 -0.67 -17.30 10.48
CA GLU B 72 -0.79 -18.27 9.41
C GLU B 72 0.42 -19.18 9.19
N ARG B 73 0.53 -20.17 10.08
CA ARG B 73 1.60 -21.15 10.11
C ARG B 73 1.88 -21.77 8.75
N ASN B 74 3.16 -21.85 8.38
CA ASN B 74 3.60 -22.41 7.10
C ASN B 74 3.24 -21.57 5.88
N ILE B 75 2.61 -20.43 6.09
CA ILE B 75 2.21 -19.55 4.97
C ILE B 75 2.89 -18.19 5.06
N GLU B 76 2.60 -17.45 6.13
CA GLU B 76 3.21 -16.13 6.31
C GLU B 76 4.64 -16.23 6.82
N LYS B 77 5.41 -15.18 6.58
CA LYS B 77 6.79 -15.08 7.03
C LYS B 77 6.89 -13.74 7.78
N ILE B 78 7.52 -13.79 8.95
CA ILE B 78 7.69 -12.62 9.79
C ILE B 78 9.16 -12.24 9.71
N SER B 79 9.45 -10.96 9.50
CA SER B 79 10.84 -10.54 9.42
C SER B 79 11.13 -9.37 10.33
N MET B 80 12.39 -9.24 10.70
CA MET B 80 12.83 -8.15 11.54
C MET B 80 13.44 -7.15 10.58
N LEU B 81 13.52 -5.90 11.04
CA LEU B 81 14.06 -4.83 10.22
C LEU B 81 15.50 -4.54 10.56
N GLU B 82 16.31 -4.31 9.53
CA GLU B 82 17.70 -3.98 9.74
C GLU B 82 17.83 -2.47 9.83
N LYS B 83 17.20 -1.77 8.90
CA LYS B 83 17.24 -0.31 8.89
C LYS B 83 16.02 0.32 8.23
N ILE B 84 15.70 1.51 8.69
CA ILE B 84 14.56 2.27 8.17
C ILE B 84 15.09 3.56 7.54
N TYR B 85 14.59 3.90 6.37
CA TYR B 85 15.01 5.12 5.69
C TYR B 85 13.78 5.95 5.37
N ILE B 86 13.77 7.17 5.90
CA ILE B 86 12.67 8.09 5.68
C ILE B 86 13.16 9.22 4.78
N HIS B 87 12.33 9.64 3.83
CA HIS B 87 12.76 10.70 2.93
C HIS B 87 13.25 11.93 3.69
N PRO B 88 14.46 12.42 3.37
CA PRO B 88 15.01 13.59 4.06
C PRO B 88 14.12 14.83 4.02
N ARG B 89 13.22 14.91 3.04
CA ARG B 89 12.35 16.07 2.92
C ARG B 89 10.87 15.77 3.17
N TYR B 90 10.62 14.69 3.90
CA TYR B 90 9.26 14.31 4.28
C TYR B 90 8.72 15.50 5.10
N ASN B 91 7.64 16.11 4.64
CA ASN B 91 7.06 17.28 5.32
C ASN B 91 5.89 16.94 6.25
N TRP B 92 6.19 16.48 7.45
CA TRP B 92 5.14 16.11 8.41
C TRP B 92 4.46 17.30 9.07
N ARG B 93 5.14 18.44 9.12
CA ARG B 93 4.58 19.62 9.77
C ARG B 93 3.39 20.22 9.04
N GLU B 94 3.31 20.00 7.73
CA GLU B 94 2.21 20.60 7.00
C GLU B 94 1.27 19.71 6.18
N ASN B 95 1.76 19.09 5.11
CA ASN B 95 0.88 18.30 4.26
C ASN B 95 1.31 16.87 3.90
N LEU B 96 2.32 16.35 4.60
CA LEU B 96 2.82 15.00 4.35
C LEU B 96 3.46 14.86 2.96
N ASP B 97 3.99 15.97 2.44
CA ASP B 97 4.65 15.97 1.13
C ASP B 97 5.81 14.97 1.21
N ARG B 98 5.95 14.13 0.19
CA ARG B 98 7.01 13.12 0.16
C ARG B 98 6.86 12.13 1.31
N ASP B 99 5.65 11.63 1.50
CA ASP B 99 5.33 10.67 2.54
C ASP B 99 5.80 9.29 2.06
N ILE B 100 7.08 9.00 2.28
CA ILE B 100 7.64 7.73 1.82
C ILE B 100 8.80 7.25 2.68
N ALA B 101 8.89 5.94 2.87
CA ALA B 101 9.96 5.34 3.65
C ALA B 101 10.29 3.98 3.09
N LEU B 102 11.53 3.55 3.33
CA LEU B 102 12.02 2.26 2.88
C LEU B 102 12.47 1.52 4.13
N MET B 103 12.31 0.20 4.12
CA MET B 103 12.74 -0.62 5.25
C MET B 103 13.55 -1.78 4.72
N LYS B 104 14.72 -2.01 5.32
CA LYS B 104 15.57 -3.11 4.89
C LYS B 104 15.38 -4.26 5.83
N LEU B 105 15.01 -5.41 5.29
CA LEU B 105 14.80 -6.61 6.10
C LEU B 105 16.13 -7.17 6.55
N LYS B 106 16.15 -7.80 7.72
CA LYS B 106 17.37 -8.39 8.22
C LYS B 106 17.90 -9.46 7.27
N LYS B 107 16.99 -10.29 6.76
CA LYS B 107 17.38 -11.35 5.82
C LYS B 107 16.33 -11.46 4.74
N PRO B 108 16.76 -11.77 3.50
CA PRO B 108 15.83 -11.88 2.39
C PRO B 108 14.72 -12.89 2.68
N VAL B 109 13.55 -12.62 2.15
CA VAL B 109 12.43 -13.52 2.32
C VAL B 109 12.35 -14.34 1.03
N ALA B 110 12.02 -15.62 1.16
CA ALA B 110 11.90 -16.47 -0.03
C ALA B 110 10.51 -16.27 -0.60
N PHE B 111 10.42 -16.17 -1.92
CA PHE B 111 9.13 -15.98 -2.57
C PHE B 111 8.37 -17.30 -2.57
N SER B 112 7.06 -17.21 -2.77
CA SER B 112 6.21 -18.40 -2.78
C SER B 112 4.94 -18.03 -3.52
N ASP B 113 3.94 -18.89 -3.45
CA ASP B 113 2.68 -18.61 -4.13
C ASP B 113 1.99 -17.38 -3.51
N TYR B 114 2.32 -17.10 -2.25
CA TYR B 114 1.71 -16.02 -1.49
C TYR B 114 2.57 -14.78 -1.27
N ILE B 115 3.86 -14.90 -1.55
CA ILE B 115 4.83 -13.84 -1.35
C ILE B 115 5.55 -13.58 -2.69
N HIS B 116 5.38 -12.38 -3.24
CA HIS B 116 5.96 -12.03 -4.52
C HIS B 116 5.97 -10.48 -4.64
N PRO B 117 7.07 -9.90 -5.15
CA PRO B 117 7.15 -8.45 -5.26
C PRO B 117 6.37 -7.81 -6.39
N VAL B 118 6.04 -6.54 -6.18
CA VAL B 118 5.30 -5.75 -7.17
C VAL B 118 6.38 -4.93 -7.91
N CYS B 119 6.08 -4.47 -9.12
CA CYS B 119 7.03 -3.67 -9.89
C CYS B 119 6.94 -2.18 -9.52
N LEU B 120 8.03 -1.46 -9.72
CA LEU B 120 8.07 -0.02 -9.49
C LEU B 120 7.89 0.55 -10.90
N PRO B 121 7.11 1.62 -11.05
CA PRO B 121 6.92 2.15 -12.41
C PRO B 121 8.12 2.87 -13.03
N ASP B 122 8.13 2.88 -14.35
CA ASP B 122 9.15 3.55 -15.14
C ASP B 122 8.43 4.80 -15.63
N ARG B 123 9.16 5.79 -16.14
CA ARG B 123 8.52 7.02 -16.59
C ARG B 123 7.38 6.81 -17.58
N GLU B 124 7.57 5.88 -18.52
CA GLU B 124 6.57 5.62 -19.53
C GLU B 124 5.31 4.99 -18.95
N THR B 125 5.48 4.06 -18.02
CA THR B 125 4.33 3.41 -17.43
C THR B 125 3.52 4.45 -16.63
N ALA B 126 4.21 5.27 -15.84
CA ALA B 126 3.52 6.30 -15.08
C ALA B 126 2.78 7.27 -16.00
N ALA B 127 3.43 7.71 -17.07
CA ALA B 127 2.79 8.65 -17.99
C ALA B 127 1.56 8.07 -18.65
N SER B 128 1.62 6.80 -18.98
CA SER B 128 0.51 6.14 -19.64
C SER B 128 -0.67 5.74 -18.74
N LEU B 129 -0.40 5.38 -17.50
CA LEU B 129 -1.47 4.93 -16.60
C LEU B 129 -2.00 5.92 -15.59
N LEU B 130 -1.20 6.91 -15.22
CA LEU B 130 -1.65 7.88 -14.23
C LEU B 130 -2.50 8.98 -14.85
N GLN B 131 -3.72 8.60 -15.24
CA GLN B 131 -4.66 9.52 -15.85
C GLN B 131 -5.99 9.46 -15.14
N ALA B 132 -6.69 10.60 -15.08
CA ALA B 132 -7.98 10.69 -14.41
C ALA B 132 -8.98 9.72 -15.02
N GLY B 133 -9.73 9.03 -14.16
CA GLY B 133 -10.70 8.07 -14.66
C GLY B 133 -10.16 6.65 -14.65
N TYR B 134 -8.85 6.51 -14.84
CA TYR B 134 -8.23 5.18 -14.83
C TYR B 134 -8.27 4.65 -13.38
N LYS B 135 -8.63 3.38 -13.20
CA LYS B 135 -8.74 2.81 -11.87
C LYS B 135 -7.52 2.05 -11.37
N GLY B 136 -7.31 2.16 -10.06
CA GLY B 136 -6.20 1.49 -9.41
C GLY B 136 -6.81 0.64 -8.31
N ARG B 137 -5.99 -0.14 -7.61
CA ARG B 137 -6.49 -1.01 -6.57
C ARG B 137 -5.82 -0.77 -5.23
N VAL B 138 -6.61 -0.78 -4.17
CA VAL B 138 -6.03 -0.59 -2.85
C VAL B 138 -6.39 -1.78 -1.96
N THR B 139 -5.44 -2.24 -1.16
CA THR B 139 -5.69 -3.37 -0.30
C THR B 139 -5.23 -3.09 1.12
N GLY B 140 -5.89 -3.71 2.09
CA GLY B 140 -5.50 -3.52 3.47
C GLY B 140 -6.39 -4.21 4.50
N TRP B 141 -5.91 -4.26 5.73
CA TRP B 141 -6.63 -4.88 6.85
C TRP B 141 -7.18 -3.78 7.76
N GLY B 142 -7.25 -2.56 7.24
CA GLY B 142 -7.73 -1.43 8.03
C GLY B 142 -9.22 -1.46 8.33
N ASN B 143 -9.67 -0.48 9.10
CA ASN B 143 -11.06 -0.35 9.49
C ASN B 143 -12.04 -0.38 8.33
N LEU B 144 -13.21 -0.93 8.58
CA LEU B 144 -14.26 -1.03 7.58
C LEU B 144 -15.16 0.20 7.51
N LYS B 145 -14.99 1.12 8.45
CA LYS B 145 -15.77 2.34 8.46
C LYS B 145 -15.07 3.36 9.33
N GLU B 146 -15.29 4.64 9.06
CA GLU B 146 -14.65 5.70 9.82
C GLU B 146 -14.84 5.54 11.31
N THR B 147 -16.06 5.19 11.71
CA THR B 147 -16.36 5.01 13.12
C THR B 147 -17.50 4.01 13.28
N GLY B 155 -16.31 -3.63 12.40
CA GLY B 155 -15.19 -2.66 12.65
C GLY B 155 -13.91 -3.05 11.93
N GLN B 156 -13.38 -4.22 12.25
CA GLN B 156 -12.16 -4.73 11.62
C GLN B 156 -12.53 -5.93 10.75
N PRO B 157 -11.85 -6.10 9.61
CA PRO B 157 -12.17 -7.24 8.76
C PRO B 157 -11.48 -8.51 9.26
N SER B 158 -11.97 -9.66 8.80
CA SER B 158 -11.39 -10.94 9.20
C SER B 158 -10.25 -11.27 8.26
N VAL B 159 -10.41 -10.90 6.98
CA VAL B 159 -9.34 -11.14 5.99
C VAL B 159 -9.05 -9.87 5.18
N LEU B 160 -7.97 -9.92 4.41
CA LEU B 160 -7.55 -8.79 3.58
C LEU B 160 -8.68 -8.28 2.68
N GLN B 161 -8.88 -6.96 2.67
CA GLN B 161 -9.93 -6.36 1.87
C GLN B 161 -9.36 -5.70 0.62
N VAL B 162 -10.21 -5.51 -0.39
CA VAL B 162 -9.75 -4.90 -1.63
C VAL B 162 -10.81 -3.96 -2.19
N VAL B 163 -10.36 -2.89 -2.81
CA VAL B 163 -11.25 -1.94 -3.47
C VAL B 163 -10.54 -1.29 -4.64
N ASN B 164 -11.26 -1.11 -5.74
CA ASN B 164 -10.74 -0.48 -6.95
C ASN B 164 -11.29 0.95 -7.00
N LEU B 165 -10.40 1.92 -7.23
CA LEU B 165 -10.80 3.33 -7.25
C LEU B 165 -10.19 4.10 -8.42
N PRO B 166 -10.97 5.04 -9.00
CA PRO B 166 -10.52 5.85 -10.13
C PRO B 166 -9.67 7.03 -9.68
N ILE B 167 -8.62 7.33 -10.46
CA ILE B 167 -7.76 8.45 -10.18
C ILE B 167 -8.61 9.69 -10.48
N VAL B 168 -8.46 10.75 -9.69
CA VAL B 168 -9.26 11.96 -9.85
C VAL B 168 -8.50 13.18 -10.43
N GLU B 169 -9.19 14.00 -11.22
CA GLU B 169 -8.61 15.19 -11.84
C GLU B 169 -7.96 16.05 -10.76
N ARG B 170 -6.74 16.52 -11.00
CA ARG B 170 -6.01 17.34 -10.03
C ARG B 170 -6.79 18.54 -9.45
N PRO B 171 -7.55 19.28 -10.29
CA PRO B 171 -8.32 20.44 -9.82
C PRO B 171 -9.38 20.03 -8.79
N VAL B 172 -10.03 18.90 -9.06
CA VAL B 172 -11.05 18.37 -8.16
C VAL B 172 -10.41 17.98 -6.84
N CYS B 173 -9.22 17.39 -6.88
CA CYS B 173 -8.52 17.01 -5.65
C CYS B 173 -8.26 18.27 -4.82
N LYS B 174 -7.72 19.29 -5.49
CA LYS B 174 -7.37 20.57 -4.86
C LYS B 174 -8.56 21.29 -4.21
N ASP B 175 -9.70 21.30 -4.90
CA ASP B 175 -10.90 21.98 -4.41
C ASP B 175 -11.68 21.22 -3.34
N SER B 176 -11.21 20.05 -2.94
CA SER B 176 -11.92 19.26 -1.93
C SER B 176 -11.33 19.43 -0.54
N THR B 177 -10.21 20.12 -0.45
CA THR B 177 -9.55 20.26 0.84
C THR B 177 -8.89 21.62 1.02
N ARG B 178 -8.51 21.93 2.26
CA ARG B 178 -7.83 23.19 2.59
C ARG B 178 -6.35 22.95 2.62
N ILE B 179 -5.95 21.68 2.66
CA ILE B 179 -4.54 21.32 2.69
C ILE B 179 -3.92 21.64 1.34
N ARG B 180 -2.69 22.12 1.35
CA ARG B 180 -1.99 22.42 0.10
C ARG B 180 -1.43 21.14 -0.50
N ILE B 181 -1.87 20.77 -1.70
CA ILE B 181 -1.36 19.55 -2.29
C ILE B 181 -0.19 19.83 -3.26
N THR B 182 0.75 18.89 -3.34
CA THR B 182 1.92 19.05 -4.20
C THR B 182 1.92 18.10 -5.39
N ASP B 183 2.96 18.20 -6.22
CA ASP B 183 3.10 17.38 -7.40
C ASP B 183 3.44 15.95 -6.95
N ASN B 184 3.88 15.79 -5.71
CA ASN B 184 4.23 14.48 -5.18
C ASN B 184 3.05 13.65 -4.66
N MET B 185 1.82 14.11 -4.92
CA MET B 185 0.62 13.38 -4.51
C MET B 185 -0.39 13.39 -5.61
N PHE B 186 -1.33 12.44 -5.54
CA PHE B 186 -2.45 12.40 -6.44
C PHE B 186 -3.59 11.91 -5.55
N CYS B 187 -4.83 12.14 -5.94
CA CYS B 187 -5.94 11.69 -5.12
C CYS B 187 -6.80 10.71 -5.93
N ALA B 188 -7.61 9.94 -5.23
CA ALA B 188 -8.45 8.96 -5.88
C ALA B 188 -9.73 8.68 -5.10
N GLY B 189 -10.75 8.22 -5.82
CA GLY B 189 -12.01 7.93 -5.16
C GLY B 189 -13.13 8.31 -6.08
N TYR B 190 -14.33 7.88 -5.75
CA TYR B 190 -15.47 8.20 -6.55
C TYR B 190 -16.00 9.57 -6.15
N LYS B 191 -16.72 10.21 -7.07
CA LYS B 191 -17.34 11.51 -6.82
C LYS B 191 -18.72 11.23 -6.24
N PRO B 192 -19.30 12.19 -5.51
CA PRO B 192 -20.63 11.98 -4.91
C PRO B 192 -21.74 11.57 -5.88
N ASP B 193 -21.59 11.91 -7.15
CA ASP B 193 -22.63 11.57 -8.12
C ASP B 193 -22.40 10.26 -8.84
N GLU B 194 -21.22 9.65 -8.69
CA GLU B 194 -20.91 8.41 -9.40
C GLU B 194 -21.64 7.15 -8.92
N GLY B 195 -22.29 7.21 -7.76
CA GLY B 195 -23.02 6.06 -7.28
C GLY B 195 -22.18 4.84 -6.96
N LYS B 196 -21.00 5.08 -6.39
CA LYS B 196 -20.09 4.02 -5.98
C LYS B 196 -19.24 4.63 -4.87
N ARG B 197 -18.87 3.82 -3.89
CA ARG B 197 -18.08 4.32 -2.77
C ARG B 197 -16.80 3.51 -2.63
N GLY B 198 -16.07 3.75 -1.56
CA GLY B 198 -14.84 3.03 -1.33
C GLY B 198 -13.72 3.96 -0.94
N ASP B 199 -12.86 3.49 -0.05
CA ASP B 199 -11.76 4.31 0.42
C ASP B 199 -10.93 3.45 1.36
N ALA B 200 -9.70 3.89 1.60
CA ALA B 200 -8.86 3.19 2.55
C ALA B 200 -9.32 3.82 3.87
N CYS B 201 -8.80 3.33 4.99
CA CYS B 201 -9.17 3.90 6.29
C CYS B 201 -8.06 3.55 7.27
N GLU B 202 -8.26 3.93 8.54
CA GLU B 202 -7.27 3.69 9.56
C GLU B 202 -6.72 2.26 9.49
N GLY B 203 -5.41 2.13 9.52
CA GLY B 203 -4.79 0.80 9.45
C GLY B 203 -4.36 0.39 8.04
N ASP B 204 -4.94 1.03 7.03
CA ASP B 204 -4.60 0.77 5.62
C ASP B 204 -3.46 1.63 5.07
N SER B 205 -3.25 2.81 5.67
CA SER B 205 -2.22 3.71 5.18
C SER B 205 -0.84 3.08 5.13
N GLY B 206 -0.01 3.56 4.20
CA GLY B 206 1.30 2.98 4.01
C GLY B 206 1.20 1.85 3.00
N GLY B 207 -0.03 1.43 2.70
CA GLY B 207 -0.26 0.36 1.74
C GLY B 207 -0.14 0.78 0.28
N PRO B 208 -0.12 -0.21 -0.63
CA PRO B 208 0.00 0.09 -2.06
C PRO B 208 -1.26 0.40 -2.84
N PHE B 209 -1.12 1.28 -3.82
CA PHE B 209 -2.19 1.62 -4.74
C PHE B 209 -1.56 1.04 -6.04
N VAL B 210 -2.15 -0.01 -6.59
CA VAL B 210 -1.55 -0.61 -7.79
C VAL B 210 -2.43 -0.59 -9.01
N MET B 211 -1.76 -0.70 -10.16
CA MET B 211 -2.43 -0.76 -11.46
C MET B 211 -1.81 -1.88 -12.29
N LYS B 212 -2.61 -2.48 -13.17
CA LYS B 212 -2.10 -3.56 -14.01
C LYS B 212 -1.88 -3.00 -15.41
N SER B 213 -0.63 -2.99 -15.86
CA SER B 213 -0.34 -2.47 -17.19
C SER B 213 -0.97 -3.33 -18.29
N PRO B 214 -1.72 -2.69 -19.21
CA PRO B 214 -2.35 -3.45 -20.30
C PRO B 214 -1.32 -3.76 -21.41
N PHE B 215 -0.09 -3.29 -21.25
CA PHE B 215 0.98 -3.49 -22.23
C PHE B 215 1.78 -4.75 -21.98
N ASN B 216 2.12 -5.01 -20.72
CA ASN B 216 2.90 -6.19 -20.40
C ASN B 216 2.30 -7.08 -19.31
N ASN B 217 1.06 -6.78 -18.93
CA ASN B 217 0.33 -7.57 -17.94
C ASN B 217 0.88 -7.65 -16.53
N ARG B 218 1.79 -6.74 -16.18
CA ARG B 218 2.36 -6.71 -14.85
C ARG B 218 1.68 -5.69 -13.96
N TRP B 219 1.75 -5.95 -12.65
CA TRP B 219 1.16 -5.03 -11.67
C TRP B 219 2.24 -4.04 -11.23
N TYR B 220 1.87 -2.76 -11.17
CA TYR B 220 2.81 -1.71 -10.78
C TYR B 220 2.25 -0.92 -9.62
N GLN B 221 3.09 -0.58 -8.66
CA GLN B 221 2.65 0.23 -7.54
C GLN B 221 2.83 1.70 -7.93
N MET B 222 1.72 2.37 -8.23
CA MET B 222 1.73 3.77 -8.63
C MET B 222 1.68 4.70 -7.43
N GLY B 223 1.04 4.26 -6.35
CA GLY B 223 0.95 5.10 -5.15
C GLY B 223 1.09 4.40 -3.81
N ILE B 224 1.17 5.21 -2.76
CA ILE B 224 1.23 4.73 -1.39
C ILE B 224 0.10 5.47 -0.67
N VAL B 225 -0.80 4.72 0.01
CA VAL B 225 -1.90 5.34 0.76
C VAL B 225 -1.26 6.32 1.74
N SER B 226 -1.54 7.60 1.57
CA SER B 226 -0.90 8.61 2.40
C SER B 226 -1.76 9.37 3.40
N TRP B 227 -2.78 10.08 2.93
CA TRP B 227 -3.61 10.79 3.90
C TRP B 227 -5.00 11.06 3.38
N GLY B 228 -5.91 11.28 4.33
CA GLY B 228 -7.27 11.56 3.99
C GLY B 228 -7.92 12.25 5.18
N GLU B 229 -9.11 12.79 4.98
CA GLU B 229 -9.84 13.45 6.04
C GLU B 229 -11.08 12.59 6.20
N GLY B 230 -11.02 11.69 7.18
CA GLY B 230 -12.12 10.76 7.38
C GLY B 230 -11.90 9.58 6.44
N CYS B 231 -12.94 8.78 6.24
CA CYS B 231 -12.88 7.62 5.34
C CYS B 231 -14.20 7.53 4.60
N ASP B 232 -14.14 7.52 3.27
CA ASP B 232 -15.33 7.42 2.44
C ASP B 232 -16.37 8.53 2.63
N ARG B 233 -15.91 9.76 2.87
CA ARG B 233 -16.82 10.90 3.03
C ARG B 233 -17.14 11.46 1.64
N ASP B 234 -18.39 11.80 1.38
CA ASP B 234 -18.76 12.35 0.08
C ASP B 234 -17.99 13.66 -0.16
N GLY B 235 -17.55 13.87 -1.41
CA GLY B 235 -16.82 15.09 -1.73
C GLY B 235 -15.41 15.15 -1.19
N LYS B 236 -14.94 14.04 -0.62
CA LYS B 236 -13.59 13.97 -0.08
C LYS B 236 -12.85 12.86 -0.83
N TYR B 237 -11.52 12.94 -0.88
CA TYR B 237 -10.75 11.94 -1.59
C TYR B 237 -9.51 11.49 -0.86
N GLY B 238 -9.07 10.27 -1.16
CA GLY B 238 -7.87 9.74 -0.55
C GLY B 238 -6.68 10.27 -1.31
N PHE B 239 -5.60 10.60 -0.60
CA PHE B 239 -4.40 11.11 -1.20
C PHE B 239 -3.30 10.07 -1.12
N TYR B 240 -2.54 9.96 -2.21
CA TYR B 240 -1.49 8.97 -2.34
C TYR B 240 -0.17 9.56 -2.78
N THR B 241 0.92 9.04 -2.22
CA THR B 241 2.26 9.48 -2.61
C THR B 241 2.53 9.00 -4.04
N HIS B 242 3.05 9.93 -4.85
CA HIS B 242 3.36 9.66 -6.26
C HIS B 242 4.68 8.90 -6.29
N VAL B 243 4.61 7.57 -6.39
CA VAL B 243 5.81 6.75 -6.35
C VAL B 243 6.84 7.05 -7.45
N PHE B 244 6.41 7.19 -8.70
CA PHE B 244 7.36 7.46 -9.75
C PHE B 244 8.13 8.75 -9.50
N ARG B 245 7.41 9.78 -9.07
CA ARG B 245 8.03 11.06 -8.79
C ARG B 245 9.16 10.95 -7.77
N LEU B 246 9.10 9.93 -6.92
CA LEU B 246 10.14 9.76 -5.90
C LEU B 246 11.07 8.56 -6.16
N LYS B 247 10.96 7.97 -7.34
CA LYS B 247 11.78 6.81 -7.68
C LYS B 247 13.28 7.06 -7.61
N LYS B 248 13.73 8.25 -7.96
CA LYS B 248 15.16 8.56 -7.90
C LYS B 248 15.68 8.34 -6.49
N TRP B 249 14.90 8.80 -5.50
CA TRP B 249 15.31 8.64 -4.12
C TRP B 249 15.33 7.16 -3.76
N ILE B 250 14.33 6.42 -4.22
CA ILE B 250 14.25 5.00 -3.94
C ILE B 250 15.50 4.29 -4.44
N GLN B 251 15.82 4.48 -5.72
CA GLN B 251 16.99 3.85 -6.30
C GLN B 251 18.28 4.27 -5.60
N LYS B 252 18.33 5.53 -5.17
CA LYS B 252 19.49 6.05 -4.47
C LYS B 252 19.75 5.25 -3.21
N VAL B 253 18.73 5.13 -2.37
CA VAL B 253 18.84 4.40 -1.11
C VAL B 253 19.25 2.95 -1.34
N ILE B 254 18.53 2.27 -2.22
CA ILE B 254 18.82 0.87 -2.50
C ILE B 254 20.22 0.67 -3.07
N ASP B 255 20.58 1.47 -4.08
CA ASP B 255 21.90 1.37 -4.69
C ASP B 255 23.02 1.67 -3.70
N GLN B 256 22.87 2.76 -2.95
CA GLN B 256 23.90 3.15 -2.00
C GLN B 256 23.96 2.26 -0.76
N PHE B 257 22.81 1.84 -0.26
CA PHE B 257 22.77 0.99 0.92
C PHE B 257 22.45 -0.47 0.58
N GLY C 1 -11.20 -8.58 16.81
CA GLY C 1 -10.61 -9.00 18.11
C GLY C 1 -9.12 -8.79 18.16
N ASP C 2 -8.47 -9.33 19.19
CA ASP C 2 -7.03 -9.20 19.34
C ASP C 2 -6.29 -10.18 18.44
N PHE C 3 -4.97 -10.04 18.40
CA PHE C 3 -4.14 -10.88 17.56
C PHE C 3 -3.70 -12.18 18.23
N GLU C 4 -3.46 -13.19 17.40
CA GLU C 4 -3.03 -14.47 17.90
C GLU C 4 -1.53 -14.46 18.16
N GLU C 5 -1.12 -15.25 19.14
CA GLU C 5 0.28 -15.36 19.55
C GLU C 5 1.18 -15.78 18.40
N ILE C 6 2.30 -15.09 18.23
CA ILE C 6 3.25 -15.45 17.19
C ILE C 6 4.47 -16.03 17.88
N PRO C 7 5.18 -16.97 17.22
CA PRO C 7 6.37 -17.58 17.82
C PRO C 7 7.29 -16.59 18.51
N GLU C 8 7.86 -17.02 19.64
CA GLU C 8 8.75 -16.20 20.44
C GLU C 8 10.05 -15.84 19.72
N GLU C 9 10.45 -16.66 18.77
CA GLU C 9 11.67 -16.42 18.01
C GLU C 9 11.64 -15.04 17.34
N LEU C 11 10.19 -12.36 18.55
CA LEU C 11 10.07 -11.28 19.52
C LEU C 11 11.36 -10.96 20.24
N GLN C 12 12.46 -11.56 19.81
CA GLN C 12 13.76 -11.34 20.44
C GLN C 12 14.77 -10.81 19.42
#